data_3FQI
#
_entry.id   3FQI
#
_cell.length_a   45.979
_cell.length_b   88.379
_cell.length_c   50.069
_cell.angle_alpha   90.000
_cell.angle_beta   114.200
_cell.angle_gamma   90.000
#
_symmetry.space_group_name_H-M   'P 1 21 1'
#
loop_
_entity.id
_entity.type
_entity.pdbx_description
1 polymer 'Protein Dom3Z'
2 non-polymer 'MAGNESIUM ION'
3 non-polymer '4-(2-HYDROXYETHYL)-1-PIPERAZINE ETHANESULFONIC ACID'
4 water water
#
_entity_poly.entity_id   1
_entity_poly.type   'polypeptide(L)'
_entity_poly.pdbx_seq_one_letter_code
;MGSSHHHHHHSSGLVPRSGHMEPRGTKRKAEKTEVEKPLNKLPRAVPSLRTQPSLYSGPFPFYRRPSELGCFSLDAQRQY
HGDARALRYYSPPPINGPGPDFDLRDGYPDRYQPRDEEVQERLDHLLRWVLEHRNQLEGGPGWLAGATVTWRGHLTKLLT
TPYERQEGWQLAASRFQGTLYLSEVETPAARAQRLARPPLLRELMYMGYKFEQYMCADKPGGSPDPSGEVNTNVAYCSVL
RSRLGNHPLLFSGEVDCLNPQAPCTQPPSCYVELKTSKEMHSPGQWRSFYRHKLLKWWAQSFLPGVPHVVAGFRNPEGFV
CSLKTFPTMEMFENVRNDREGWNPSVCMNFCAAFLSFAQSTVVQDDPRLVHLFSWEPGGPVTVSVHRDAPYAFLPSWYVE
TMTQDLPPLSKTPSPKD
;
_entity_poly.pdbx_strand_id   A
#
# COMPACT_ATOMS: atom_id res chain seq x y z
N SER A 48 13.56 -0.13 21.83
CA SER A 48 12.32 -0.87 21.39
C SER A 48 11.05 -0.04 21.58
N LEU A 49 9.99 -0.41 20.86
CA LEU A 49 8.73 0.33 20.86
C LEU A 49 7.58 -0.65 21.03
N ARG A 50 6.80 -0.46 22.10
CA ARG A 50 5.66 -1.35 22.40
C ARG A 50 4.53 -1.12 21.41
N THR A 51 3.66 -2.11 21.29
CA THR A 51 2.73 -2.17 20.18
C THR A 51 1.25 -2.34 20.58
N GLN A 52 1.00 -2.61 21.86
CA GLN A 52 -0.38 -2.85 22.31
C GLN A 52 -1.29 -1.63 22.08
N PRO A 53 -2.55 -1.88 21.65
CA PRO A 53 -3.48 -0.79 21.31
C PRO A 53 -3.76 0.18 22.45
N SER A 54 -3.79 -0.31 23.69
CA SER A 54 -4.14 0.51 24.84
C SER A 54 -3.19 1.69 25.06
N LEU A 55 -1.93 1.52 24.66
CA LEU A 55 -0.94 2.62 24.74
C LEU A 55 -1.23 3.77 23.78
N TYR A 56 -2.05 3.52 22.75
CA TYR A 56 -2.24 4.48 21.66
C TYR A 56 -3.67 4.97 21.47
N SER A 57 -4.53 4.63 22.42
CA SER A 57 -5.87 5.21 22.49
C SER A 57 -5.71 6.69 22.81
N GLY A 58 -6.66 7.50 22.37
CA GLY A 58 -6.56 8.95 22.51
C GLY A 58 -7.06 9.63 21.25
N PRO A 59 -7.20 10.97 21.29
CA PRO A 59 -7.70 11.75 20.15
C PRO A 59 -7.06 11.37 18.81
N PHE A 60 -7.85 11.40 17.73
CA PHE A 60 -7.32 11.16 16.40
C PHE A 60 -6.28 12.25 16.12
N PRO A 61 -5.06 11.85 15.72
CA PRO A 61 -4.02 12.86 15.52
C PRO A 61 -4.21 13.59 14.19
N PHE A 62 -3.44 14.64 13.96
CA PHE A 62 -3.55 15.40 12.74
C PHE A 62 -2.95 14.63 11.58
N TYR A 63 -3.77 14.39 10.55
CA TYR A 63 -3.29 13.86 9.27
C TYR A 63 -3.71 14.78 8.11
N ARG A 64 -2.72 15.41 7.48
CA ARG A 64 -2.96 16.40 6.43
C ARG A 64 -3.62 15.80 5.18
N ARG A 65 -4.58 16.53 4.63
CA ARG A 65 -5.21 16.20 3.35
C ARG A 65 -4.10 15.99 2.33
N PRO A 66 -4.01 14.76 1.76
CA PRO A 66 -2.94 14.48 0.79
C PRO A 66 -3.07 15.23 -0.53
N SER A 67 -1.93 15.65 -1.06
CA SER A 67 -1.83 16.25 -2.37
C SER A 67 -0.99 15.35 -3.25
N GLU A 68 -1.47 15.12 -4.47
CA GLU A 68 -0.70 14.37 -5.44
C GLU A 68 0.33 15.28 -6.08
N LEU A 69 1.60 14.91 -5.95
CA LEU A 69 2.67 15.70 -6.53
C LEU A 69 3.03 15.25 -7.94
N GLY A 70 2.62 14.03 -8.27
CA GLY A 70 2.87 13.48 -9.59
C GLY A 70 2.58 12.00 -9.62
N CYS A 71 3.16 11.32 -10.59
CA CYS A 71 2.86 9.90 -10.82
C CYS A 71 3.91 9.26 -11.71
N PHE A 72 3.93 7.94 -11.73
CA PHE A 72 4.73 7.18 -12.68
C PHE A 72 4.07 5.84 -13.00
N SER A 73 4.47 5.27 -14.13
CA SER A 73 3.94 4.01 -14.58
C SER A 73 5.06 3.01 -14.78
N LEU A 74 4.77 1.74 -14.50
CA LEU A 74 5.65 0.65 -14.92
C LEU A 74 4.88 -0.12 -16.01
N ASP A 75 5.53 -0.41 -17.13
CA ASP A 75 4.84 -1.08 -18.22
C ASP A 75 4.94 -2.60 -18.10
N ALA A 76 4.48 -3.29 -19.15
CA ALA A 76 4.45 -4.76 -19.19
C ALA A 76 5.81 -5.43 -19.08
N GLN A 77 6.88 -4.66 -19.30
CA GLN A 77 8.25 -5.15 -19.13
C GLN A 77 8.90 -4.53 -17.89
N ARG A 78 8.08 -3.90 -17.03
CA ARG A 78 8.50 -3.30 -15.76
C ARG A 78 9.45 -2.10 -15.95
N GLN A 79 9.41 -1.50 -17.13
CA GLN A 79 10.19 -0.30 -17.42
C GLN A 79 9.42 0.92 -16.93
N TYR A 80 10.15 1.84 -16.31
CA TYR A 80 9.59 3.07 -15.72
C TYR A 80 9.27 4.10 -16.79
N HIS A 81 8.09 4.74 -16.67
CA HIS A 81 7.73 5.92 -17.47
C HIS A 81 7.10 6.98 -16.57
N GLY A 82 7.64 8.21 -16.62
CA GLY A 82 7.19 9.31 -15.76
C GLY A 82 5.88 9.98 -16.17
N ASP A 83 4.87 9.16 -16.50
CA ASP A 83 3.55 9.68 -16.89
C ASP A 83 2.49 8.67 -16.45
N ALA A 84 1.25 8.88 -16.91
CA ALA A 84 0.10 8.12 -16.47
C ALA A 84 -0.41 7.05 -17.45
N ARG A 85 0.47 6.55 -18.33
CA ARG A 85 0.06 5.56 -19.35
C ARG A 85 -0.56 4.28 -18.80
N ALA A 86 -0.20 3.91 -17.57
CA ALA A 86 -0.73 2.69 -16.95
C ALA A 86 -2.06 2.89 -16.24
N LEU A 87 -2.45 4.15 -16.06
CA LEU A 87 -3.70 4.46 -15.34
C LEU A 87 -4.92 3.99 -16.12
N ARG A 88 -5.76 3.18 -15.47
CA ARG A 88 -7.01 2.68 -16.06
C ARG A 88 -8.20 3.43 -15.48
N TYR A 89 -9.38 3.23 -16.08
CA TYR A 89 -10.59 3.99 -15.78
C TYR A 89 -11.75 3.15 -15.27
N TYR A 90 -12.27 3.55 -14.11
CA TYR A 90 -13.37 2.87 -13.42
C TYR A 90 -14.59 2.83 -14.33
N SER A 91 -14.98 1.60 -14.68
CA SER A 91 -16.10 1.36 -15.59
C SER A 91 -16.95 0.21 -15.07
N PRO A 92 -17.79 0.47 -14.04
CA PRO A 92 -18.67 -0.53 -13.42
C PRO A 92 -19.84 -0.95 -14.36
N PRO A 93 -20.45 -2.14 -14.12
CA PRO A 93 -21.33 -2.84 -15.07
C PRO A 93 -22.22 -2.03 -16.05
N PRO A 94 -23.12 -1.16 -15.56
CA PRO A 94 -24.05 -0.56 -16.52
C PRO A 94 -23.47 0.70 -17.20
N PRO A 100 -23.16 -7.67 -11.93
CA PRO A 100 -21.88 -8.27 -12.30
C PRO A 100 -21.98 -9.80 -12.43
N ASP A 101 -21.25 -10.34 -13.39
CA ASP A 101 -21.22 -11.78 -13.66
C ASP A 101 -19.80 -12.11 -14.11
N PHE A 102 -18.84 -11.85 -13.22
CA PHE A 102 -17.41 -11.88 -13.57
C PHE A 102 -16.76 -13.21 -13.21
N ASP A 103 -16.14 -13.85 -14.19
CA ASP A 103 -15.40 -15.09 -13.97
C ASP A 103 -13.93 -14.77 -13.71
N LEU A 104 -13.56 -14.72 -12.43
CA LEU A 104 -12.21 -14.32 -12.03
C LEU A 104 -11.14 -15.37 -12.33
N ARG A 105 -11.59 -16.56 -12.73
CA ARG A 105 -10.70 -17.67 -13.11
C ARG A 105 -10.28 -17.62 -14.58
N ASP A 106 -11.02 -16.87 -15.37
CA ASP A 106 -10.79 -16.69 -16.81
C ASP A 106 -9.34 -16.24 -17.09
N GLY A 107 -8.66 -16.99 -17.95
CA GLY A 107 -7.28 -16.65 -18.35
C GLY A 107 -6.18 -17.24 -17.51
N TYR A 108 -6.54 -17.91 -16.41
CA TYR A 108 -5.58 -18.54 -15.53
C TYR A 108 -5.42 -20.04 -15.82
N PRO A 109 -4.18 -20.50 -16.05
CA PRO A 109 -3.01 -19.72 -16.40
C PRO A 109 -2.58 -20.03 -17.84
N ASP A 110 -2.93 -19.14 -18.76
CA ASP A 110 -2.36 -19.13 -20.10
C ASP A 110 -2.24 -17.67 -20.51
N ARG A 111 -3.11 -16.85 -19.95
CA ARG A 111 -3.12 -15.40 -20.17
C ARG A 111 -2.73 -14.70 -18.87
N TYR A 112 -1.67 -15.20 -18.25
CA TYR A 112 -1.18 -14.67 -16.99
C TYR A 112 0.32 -14.45 -17.09
N GLN A 113 0.74 -13.20 -16.93
CA GLN A 113 2.16 -12.85 -16.87
C GLN A 113 2.48 -12.24 -15.51
N PRO A 114 2.82 -13.09 -14.52
CA PRO A 114 3.03 -12.57 -13.19
C PRO A 114 4.41 -11.92 -13.06
N ARG A 115 4.48 -10.85 -12.29
CA ARG A 115 5.74 -10.18 -11.98
C ARG A 115 6.70 -11.16 -11.29
N ASP A 116 7.98 -11.06 -11.62
CA ASP A 116 9.01 -11.84 -10.93
C ASP A 116 9.29 -11.21 -9.57
N GLU A 117 8.72 -11.80 -8.52
CA GLU A 117 8.83 -11.26 -7.16
C GLU A 117 10.22 -11.39 -6.52
N GLU A 118 11.12 -12.11 -7.18
CA GLU A 118 12.49 -12.23 -6.69
C GLU A 118 13.24 -10.91 -6.81
N VAL A 119 12.94 -10.14 -7.86
CA VAL A 119 13.53 -8.81 -8.04
C VAL A 119 13.02 -7.92 -6.92
N GLN A 120 13.91 -7.48 -6.04
CA GLN A 120 13.48 -6.60 -4.95
C GLN A 120 13.79 -5.15 -5.30
N GLU A 121 12.76 -4.45 -5.76
CA GLU A 121 12.91 -3.11 -6.29
C GLU A 121 13.08 -2.08 -5.19
N ARG A 122 12.63 -2.43 -3.99
CA ARG A 122 12.69 -1.55 -2.82
C ARG A 122 12.14 -0.17 -3.18
N LEU A 123 12.90 0.89 -2.92
CA LEU A 123 12.40 2.24 -3.22
C LEU A 123 12.81 2.76 -4.60
N ASP A 124 13.45 1.94 -5.42
CA ASP A 124 14.14 2.43 -6.62
C ASP A 124 13.32 3.32 -7.57
N HIS A 125 12.08 2.93 -7.83
CA HIS A 125 11.22 3.68 -8.76
C HIS A 125 10.71 4.99 -8.19
N LEU A 126 10.42 5.01 -6.90
CA LEU A 126 10.12 6.25 -6.19
C LEU A 126 11.30 7.22 -6.20
N LEU A 127 12.50 6.70 -5.91
CA LEU A 127 13.72 7.51 -5.89
C LEU A 127 14.05 8.15 -7.26
N ARG A 128 13.74 7.43 -8.34
CA ARG A 128 13.85 8.01 -9.69
C ARG A 128 12.90 9.19 -9.84
N TRP A 129 11.64 9.02 -9.43
CA TRP A 129 10.68 10.12 -9.41
C TRP A 129 11.18 11.31 -8.58
N VAL A 130 11.67 11.04 -7.36
CA VAL A 130 12.18 12.08 -6.47
C VAL A 130 13.36 12.82 -7.11
N LEU A 131 14.24 12.05 -7.75
CA LEU A 131 15.40 12.59 -8.46
C LEU A 131 14.99 13.53 -9.58
N GLU A 132 13.97 13.13 -10.35
CA GLU A 132 13.50 13.91 -11.49
C GLU A 132 12.53 15.04 -11.13
N HIS A 133 12.18 15.14 -9.84
CA HIS A 133 11.23 16.15 -9.38
C HIS A 133 11.70 16.91 -8.14
N ARG A 134 12.97 16.79 -7.75
CA ARG A 134 13.42 17.47 -6.53
C ARG A 134 13.44 18.99 -6.66
N ASN A 135 12.87 19.48 -7.77
CA ASN A 135 12.42 20.85 -7.95
C ASN A 135 10.89 20.88 -8.06
N GLN A 136 10.22 20.42 -7.00
CA GLN A 136 8.76 20.53 -6.86
C GLN A 136 8.37 20.50 -5.38
N GLY A 142 14.32 23.49 2.81
CA GLY A 142 14.52 22.07 2.54
C GLY A 142 13.41 21.22 3.11
N TRP A 143 12.25 21.25 2.45
CA TRP A 143 11.12 20.42 2.85
C TRP A 143 11.46 18.94 2.87
N LEU A 144 12.11 18.46 1.80
CA LEU A 144 12.52 17.07 1.70
C LEU A 144 13.39 16.63 2.88
N ALA A 145 14.29 17.51 3.31
CA ALA A 145 15.23 17.21 4.40
C ALA A 145 14.55 16.86 5.72
N GLY A 146 13.33 17.36 5.92
CA GLY A 146 12.58 17.09 7.15
C GLY A 146 11.49 16.04 6.95
N ALA A 147 11.49 15.39 5.79
CA ALA A 147 10.46 14.41 5.45
C ALA A 147 10.92 12.96 5.64
N THR A 148 9.94 12.07 5.63
CA THR A 148 10.14 10.63 5.57
C THR A 148 9.60 10.16 4.22
N VAL A 149 10.39 9.36 3.52
CA VAL A 149 10.07 8.88 2.18
C VAL A 149 9.91 7.37 2.23
N THR A 150 8.76 6.87 1.79
CA THR A 150 8.41 5.44 1.80
C THR A 150 7.37 5.09 0.74
N TRP A 151 6.98 3.81 0.69
CA TRP A 151 5.77 3.38 -0.03
C TRP A 151 4.57 3.50 0.89
N ARG A 152 3.41 3.84 0.30
CA ARG A 152 2.14 3.78 1.02
C ARG A 152 1.97 2.47 1.80
N GLY A 153 2.25 1.35 1.15
CA GLY A 153 2.07 0.02 1.76
C GLY A 153 2.83 -0.19 3.05
N HIS A 154 4.02 0.42 3.12
CA HIS A 154 4.85 0.37 4.31
C HIS A 154 4.12 1.05 5.47
N LEU A 155 3.58 2.25 5.22
CA LEU A 155 2.77 2.97 6.21
C LEU A 155 1.51 2.21 6.61
N THR A 156 0.92 1.49 5.67
CA THR A 156 -0.25 0.65 5.96
C THR A 156 0.10 -0.38 7.05
N LYS A 157 1.25 -1.02 6.90
CA LYS A 157 1.70 -2.05 7.85
C LYS A 157 1.95 -1.50 9.25
N LEU A 158 2.36 -0.25 9.33
CA LEU A 158 2.51 0.44 10.61
C LEU A 158 1.12 0.68 11.19
N LEU A 159 0.24 1.27 10.39
CA LEU A 159 -1.14 1.50 10.81
C LEU A 159 -1.79 0.26 11.43
N THR A 160 -1.60 -0.90 10.81
CA THR A 160 -2.32 -2.08 11.25
C THR A 160 -1.62 -2.85 12.40
N THR A 161 -0.38 -2.46 12.70
CA THR A 161 0.47 -3.16 13.69
C THR A 161 -0.23 -3.43 15.06
N PRO A 162 -0.81 -2.40 15.69
CA PRO A 162 -1.44 -2.70 17.01
C PRO A 162 -2.49 -3.82 17.00
N TYR A 163 -3.07 -4.10 15.84
CA TYR A 163 -4.13 -5.12 15.70
C TYR A 163 -3.73 -6.37 14.92
N GLU A 164 -2.51 -6.40 14.40
CA GLU A 164 -2.07 -7.48 13.52
C GLU A 164 -1.60 -8.69 14.32
N ARG A 165 -2.19 -9.85 14.05
CA ARG A 165 -1.90 -11.05 14.83
C ARG A 165 -1.28 -12.20 14.03
N GLN A 166 -1.05 -11.99 12.73
CA GLN A 166 -0.55 -13.08 11.89
C GLN A 166 0.75 -12.82 11.11
N GLU A 167 0.86 -11.65 10.47
CA GLU A 167 2.03 -11.34 9.62
C GLU A 167 2.96 -10.30 10.27
N GLY A 168 4.20 -10.70 10.56
CA GLY A 168 5.22 -9.77 11.06
C GLY A 168 5.84 -8.96 9.93
N TRP A 169 6.73 -8.03 10.28
CA TRP A 169 7.45 -7.24 9.27
C TRP A 169 8.84 -6.78 9.70
N GLN A 170 9.59 -6.26 8.73
CA GLN A 170 10.87 -5.60 8.95
C GLN A 170 10.95 -4.37 8.05
N LEU A 171 11.41 -3.25 8.61
CA LEU A 171 11.61 -2.04 7.84
C LEU A 171 13.01 -1.52 8.05
N ALA A 172 13.73 -1.35 6.94
CA ALA A 172 15.06 -0.72 6.94
C ALA A 172 14.91 0.80 6.92
N ALA A 173 15.59 1.46 7.85
CA ALA A 173 15.67 2.92 7.88
C ALA A 173 17.09 3.39 7.61
N SER A 174 17.20 4.41 6.75
CA SER A 174 18.47 5.09 6.46
C SER A 174 18.18 6.58 6.36
N ARG A 175 18.96 7.37 7.08
CA ARG A 175 18.90 8.83 6.94
C ARG A 175 19.94 9.28 5.92
N PHE A 176 19.51 10.13 4.99
CA PHE A 176 20.40 10.64 3.95
C PHE A 176 20.00 12.07 3.61
N GLN A 177 20.95 12.99 3.81
CA GLN A 177 20.72 14.45 3.91
C GLN A 177 19.40 14.86 4.58
N GLY A 178 19.27 14.45 5.83
CA GLY A 178 18.16 14.81 6.69
C GLY A 178 17.01 13.85 6.53
N THR A 179 16.66 13.57 5.28
CA THR A 179 15.50 12.76 4.93
C THR A 179 15.61 11.35 5.53
N LEU A 180 14.52 10.88 6.13
CA LEU A 180 14.45 9.51 6.60
C LEU A 180 13.77 8.66 5.53
N TYR A 181 14.47 7.62 5.09
CA TYR A 181 13.94 6.71 4.09
C TYR A 181 13.60 5.38 4.76
N LEU A 182 12.42 4.83 4.45
CA LEU A 182 11.98 3.57 5.03
C LEU A 182 11.65 2.58 3.92
N SER A 183 12.23 1.39 3.99
CA SER A 183 12.12 0.42 2.92
C SER A 183 11.95 -0.97 3.52
N GLU A 184 10.84 -1.63 3.17
CA GLU A 184 10.50 -2.93 3.73
C GLU A 184 11.49 -4.02 3.33
N VAL A 185 11.79 -4.90 4.29
CA VAL A 185 12.63 -6.06 4.06
C VAL A 185 11.74 -7.30 4.19
N GLU A 186 11.78 -8.16 3.18
CA GLU A 186 11.04 -9.42 3.25
C GLU A 186 11.69 -10.29 4.31
N THR A 187 10.91 -10.75 5.28
CA THR A 187 11.44 -11.59 6.35
C THR A 187 11.74 -12.98 5.79
N PRO A 188 12.76 -13.68 6.34
CA PRO A 188 13.01 -15.07 5.96
C PRO A 188 11.73 -15.93 5.91
N ALA A 189 10.89 -15.79 6.92
CA ALA A 189 9.63 -16.54 7.01
C ALA A 189 8.65 -16.20 5.88
N ALA A 190 8.53 -14.92 5.56
CA ALA A 190 7.72 -14.46 4.43
C ALA A 190 8.32 -14.92 3.11
N ARG A 191 9.66 -14.89 3.01
CA ARG A 191 10.34 -15.41 1.83
C ARG A 191 10.03 -16.91 1.65
N ALA A 192 9.97 -17.64 2.76
CA ALA A 192 9.65 -19.06 2.74
C ALA A 192 8.24 -19.31 2.20
N GLN A 193 7.26 -18.57 2.72
CA GLN A 193 5.86 -18.69 2.30
C GLN A 193 5.67 -18.36 0.82
N ARG A 194 6.36 -17.30 0.35
CA ARG A 194 6.28 -16.91 -1.06
C ARG A 194 6.70 -18.04 -1.98
N LEU A 195 7.84 -18.66 -1.68
CA LEU A 195 8.35 -19.76 -2.49
C LEU A 195 7.50 -21.04 -2.35
N ALA A 196 6.85 -21.21 -1.20
CA ALA A 196 6.02 -22.38 -0.94
C ALA A 196 4.53 -22.15 -1.22
N ARG A 197 4.22 -21.10 -1.98
CA ARG A 197 2.83 -20.76 -2.30
C ARG A 197 2.11 -21.91 -2.98
N PRO A 198 1.08 -22.46 -2.31
CA PRO A 198 0.29 -23.55 -2.88
C PRO A 198 -0.51 -23.05 -4.08
N PRO A 199 -0.89 -23.96 -5.01
CA PRO A 199 -1.72 -23.65 -6.17
C PRO A 199 -2.94 -22.78 -5.86
N LEU A 200 -3.63 -23.09 -4.76
CA LEU A 200 -4.84 -22.36 -4.39
C LEU A 200 -4.58 -20.90 -4.01
N LEU A 201 -3.43 -20.64 -3.39
CA LEU A 201 -3.05 -19.26 -3.07
C LEU A 201 -2.70 -18.49 -4.34
N ARG A 202 -2.06 -19.19 -5.28
CA ARG A 202 -1.68 -18.57 -6.55
C ARG A 202 -2.89 -18.21 -7.42
N GLU A 203 -3.91 -19.08 -7.42
CA GLU A 203 -5.19 -18.84 -8.11
C GLU A 203 -5.95 -17.67 -7.50
N LEU A 204 -6.03 -17.67 -6.17
CA LEU A 204 -6.65 -16.60 -5.41
C LEU A 204 -6.05 -15.22 -5.73
N MET A 205 -4.71 -15.17 -5.78
CA MET A 205 -3.99 -13.95 -6.11
C MET A 205 -4.29 -13.44 -7.53
N TYR A 206 -4.24 -14.35 -8.50
CA TYR A 206 -4.66 -14.05 -9.86
C TYR A 206 -6.08 -13.49 -9.90
N MET A 207 -6.98 -14.10 -9.14
CA MET A 207 -8.39 -13.69 -9.10
C MET A 207 -8.53 -12.22 -8.67
N GLY A 208 -7.74 -11.82 -7.68
CA GLY A 208 -7.72 -10.42 -7.23
C GLY A 208 -7.34 -9.48 -8.36
N TYR A 209 -6.31 -9.85 -9.10
CA TYR A 209 -5.85 -9.06 -10.26
C TYR A 209 -6.82 -9.11 -11.43
N LYS A 210 -7.43 -10.27 -11.65
CA LYS A 210 -8.46 -10.42 -12.70
C LYS A 210 -9.66 -9.50 -12.50
N PHE A 211 -10.13 -9.37 -11.26
CA PHE A 211 -11.29 -8.55 -10.93
C PHE A 211 -11.21 -7.16 -11.55
N GLU A 212 -10.00 -6.59 -11.50
CA GLU A 212 -9.71 -5.27 -12.07
C GLU A 212 -10.04 -5.20 -13.57
N GLN A 213 -9.73 -6.27 -14.30
CA GLN A 213 -9.98 -6.30 -15.77
C GLN A 213 -11.45 -6.21 -16.14
N TYR A 214 -12.31 -6.63 -15.21
CA TYR A 214 -13.75 -6.61 -15.41
C TYR A 214 -14.36 -5.27 -15.05
N MET A 215 -13.63 -4.50 -14.25
CA MET A 215 -14.15 -3.29 -13.65
C MET A 215 -13.52 -2.02 -14.20
N CYS A 216 -12.51 -2.16 -15.06
CA CYS A 216 -11.74 -1.02 -15.58
C CYS A 216 -11.53 -1.11 -17.08
N ALA A 217 -11.38 0.06 -17.70
CA ALA A 217 -11.06 0.16 -19.12
C ALA A 217 -9.83 1.06 -19.31
N ASP A 218 -9.18 1.01 -20.46
CA ASP A 218 -8.00 1.87 -20.65
C ASP A 218 -8.33 3.30 -21.10
N LYS A 219 -9.61 3.54 -21.41
CA LYS A 219 -10.08 4.87 -21.78
C LYS A 219 -11.30 5.23 -20.93
N PRO A 220 -11.51 6.54 -20.65
CA PRO A 220 -12.67 6.94 -19.86
C PRO A 220 -13.94 6.45 -20.51
N GLY A 221 -14.85 5.88 -19.71
CA GLY A 221 -16.14 5.42 -20.20
C GLY A 221 -16.08 4.20 -21.11
N GLY A 222 -14.89 3.62 -21.24
CA GLY A 222 -14.70 2.46 -22.12
C GLY A 222 -15.28 1.19 -21.55
N SER A 223 -15.46 0.19 -22.41
CA SER A 223 -15.93 -1.11 -21.96
C SER A 223 -14.73 -1.94 -21.49
N PRO A 224 -14.84 -2.54 -20.30
CA PRO A 224 -13.80 -3.46 -19.84
C PRO A 224 -13.59 -4.59 -20.83
N ASP A 225 -12.33 -4.96 -21.04
CA ASP A 225 -11.94 -6.01 -21.98
C ASP A 225 -11.11 -7.05 -21.23
N PRO A 226 -11.78 -8.09 -20.68
CA PRO A 226 -11.06 -9.14 -19.96
C PRO A 226 -10.53 -10.26 -20.85
N SER A 227 -10.60 -10.08 -22.17
CA SER A 227 -10.18 -11.12 -23.12
C SER A 227 -8.66 -11.24 -23.22
N GLY A 228 -7.94 -10.23 -22.74
CA GLY A 228 -6.49 -10.22 -22.84
C GLY A 228 -5.83 -10.87 -21.65
N GLU A 229 -4.57 -10.50 -21.43
CA GLU A 229 -3.76 -11.09 -20.37
C GLU A 229 -3.76 -10.22 -19.13
N VAL A 230 -3.69 -10.86 -17.96
CA VAL A 230 -3.34 -10.09 -16.78
C VAL A 230 -1.83 -10.14 -16.62
N ASN A 231 -1.22 -8.96 -16.68
CA ASN A 231 0.23 -8.78 -16.57
C ASN A 231 0.53 -7.89 -15.38
N THR A 232 1.08 -8.48 -14.32
CA THR A 232 1.26 -7.75 -13.05
C THR A 232 2.59 -7.01 -12.94
N ASN A 233 3.30 -6.89 -14.06
CA ASN A 233 4.39 -5.93 -14.16
C ASN A 233 3.84 -4.52 -14.26
N VAL A 234 2.64 -4.40 -14.83
CA VAL A 234 2.03 -3.11 -15.10
C VAL A 234 1.49 -2.52 -13.82
N ALA A 235 1.87 -1.27 -13.56
CA ALA A 235 1.43 -0.59 -12.35
C ALA A 235 1.36 0.90 -12.63
N TYR A 236 0.41 1.55 -11.95
CA TYR A 236 0.32 3.01 -11.96
C TYR A 236 0.44 3.43 -10.52
N CYS A 237 1.38 4.33 -10.27
CA CYS A 237 1.66 4.84 -8.93
C CYS A 237 1.48 6.34 -8.83
N SER A 238 0.70 6.76 -7.84
CA SER A 238 0.52 8.17 -7.49
C SER A 238 1.59 8.57 -6.47
N VAL A 239 2.13 9.77 -6.61
CA VAL A 239 3.11 10.26 -5.65
C VAL A 239 2.43 11.33 -4.82
N LEU A 240 2.37 11.11 -3.51
CA LEU A 240 1.62 11.99 -2.62
C LEU A 240 2.45 12.64 -1.53
N ARG A 241 2.01 13.81 -1.10
CA ARG A 241 2.60 14.52 0.02
C ARG A 241 1.57 14.56 1.12
N SER A 242 2.00 14.28 2.36
CA SER A 242 1.11 14.45 3.52
C SER A 242 1.93 14.79 4.78
N ARG A 243 1.28 14.76 5.93
CA ARG A 243 1.95 14.94 7.21
C ARG A 243 1.09 14.30 8.30
N LEU A 244 1.70 13.43 9.09
CA LEU A 244 1.07 12.90 10.29
C LEU A 244 1.66 13.63 11.49
N GLY A 245 0.85 14.48 12.11
CA GLY A 245 1.30 15.30 13.24
C GLY A 245 2.53 16.08 12.85
N ASN A 246 3.65 15.81 13.52
CA ASN A 246 4.88 16.56 13.26
C ASN A 246 5.81 15.95 12.20
N HIS A 247 5.29 14.98 11.43
CA HIS A 247 6.11 14.20 10.50
C HIS A 247 5.70 14.34 9.03
N PRO A 248 6.32 15.28 8.28
CA PRO A 248 6.06 15.38 6.83
C PRO A 248 6.28 14.05 6.10
N LEU A 249 5.37 13.71 5.19
CA LEU A 249 5.45 12.45 4.45
C LEU A 249 5.52 12.67 2.96
N LEU A 250 6.39 11.90 2.30
CA LEU A 250 6.37 11.76 0.86
C LEU A 250 6.33 10.27 0.51
N PHE A 251 5.28 9.84 -0.17
CA PHE A 251 5.13 8.42 -0.48
C PHE A 251 4.43 8.15 -1.82
N SER A 252 4.74 7.00 -2.41
CA SER A 252 4.03 6.55 -3.61
C SER A 252 3.10 5.39 -3.24
N GLY A 253 2.05 5.22 -4.02
CA GLY A 253 1.11 4.12 -3.83
C GLY A 253 0.56 3.68 -5.17
N GLU A 254 0.48 2.37 -5.39
CA GLU A 254 -0.17 1.84 -6.59
C GLU A 254 -1.67 2.15 -6.55
N VAL A 255 -2.20 2.61 -7.68
CA VAL A 255 -3.59 3.07 -7.79
C VAL A 255 -4.32 2.23 -8.83
N ASP A 256 -5.50 1.74 -8.46
CA ASP A 256 -6.26 0.82 -9.31
C ASP A 256 -6.89 1.49 -10.53
N CYS A 257 -7.59 2.59 -10.31
CA CYS A 257 -8.26 3.29 -11.41
C CYS A 257 -8.72 4.66 -11.00
N LEU A 258 -9.06 5.45 -12.00
CA LEU A 258 -9.65 6.76 -11.79
C LEU A 258 -11.09 6.77 -12.30
N ASN A 259 -11.97 7.30 -11.47
CA ASN A 259 -13.40 7.43 -11.77
C ASN A 259 -13.69 8.78 -12.44
N PRO A 260 -14.04 8.76 -13.75
CA PRO A 260 -14.30 10.00 -14.48
C PRO A 260 -15.53 10.74 -13.94
N GLN A 261 -16.49 9.98 -13.41
CA GLN A 261 -17.72 10.55 -12.86
C GLN A 261 -17.64 10.84 -11.36
N ALA A 262 -16.43 10.82 -10.80
CA ALA A 262 -16.22 11.12 -9.39
C ALA A 262 -16.61 12.57 -9.11
N PRO A 263 -17.20 12.84 -7.92
CA PRO A 263 -17.65 14.21 -7.62
C PRO A 263 -16.50 15.22 -7.67
N CYS A 264 -15.36 14.87 -7.08
CA CYS A 264 -14.13 15.64 -7.20
C CYS A 264 -13.21 14.92 -8.18
N THR A 265 -12.89 15.59 -9.28
CA THR A 265 -12.13 15.00 -10.38
C THR A 265 -10.62 15.21 -10.19
N GLN A 266 -10.24 15.88 -9.11
CA GLN A 266 -8.84 16.13 -8.76
C GLN A 266 -8.28 14.95 -7.97
N PRO A 267 -7.13 14.39 -8.43
CA PRO A 267 -6.52 13.28 -7.68
C PRO A 267 -5.98 13.81 -6.33
N PRO A 268 -5.99 12.95 -5.29
CA PRO A 268 -6.35 11.52 -5.29
C PRO A 268 -7.85 11.21 -5.09
N SER A 269 -8.65 12.26 -4.89
CA SER A 269 -10.10 12.09 -4.63
C SER A 269 -10.87 11.36 -5.73
N CYS A 270 -10.35 11.40 -6.96
CA CYS A 270 -11.00 10.77 -8.10
C CYS A 270 -10.64 9.29 -8.27
N TYR A 271 -9.73 8.81 -7.43
CA TYR A 271 -9.26 7.44 -7.48
C TYR A 271 -10.20 6.48 -6.76
N VAL A 272 -10.14 5.21 -7.17
CA VAL A 272 -10.93 4.14 -6.60
C VAL A 272 -10.00 2.96 -6.34
N GLU A 273 -10.19 2.30 -5.20
CA GLU A 273 -9.55 1.04 -4.87
C GLU A 273 -10.52 -0.12 -5.11
N LEU A 274 -10.03 -1.15 -5.79
CA LEU A 274 -10.81 -2.34 -6.07
C LEU A 274 -10.34 -3.53 -5.24
N LYS A 275 -11.31 -4.31 -4.75
CA LYS A 275 -11.02 -5.48 -3.93
C LYS A 275 -11.94 -6.64 -4.29
N THR A 276 -11.51 -7.85 -3.97
CA THR A 276 -12.40 -9.00 -3.93
C THR A 276 -12.38 -9.59 -2.50
N SER A 277 -13.47 -10.24 -2.10
CA SER A 277 -13.54 -10.99 -0.85
C SER A 277 -14.57 -12.10 -1.04
N LYS A 278 -14.51 -13.15 -0.23
CA LYS A 278 -15.50 -14.22 -0.36
C LYS A 278 -16.88 -13.68 0.01
N GLU A 279 -17.92 -14.22 -0.63
CA GLU A 279 -19.32 -13.91 -0.30
C GLU A 279 -19.59 -14.23 1.16
N MET A 280 -20.52 -13.50 1.76
CA MET A 280 -20.86 -13.72 3.17
C MET A 280 -22.36 -13.85 3.38
N HIS A 281 -22.76 -14.77 4.24
CA HIS A 281 -24.17 -15.16 4.37
C HIS A 281 -24.69 -15.12 5.81
N SER A 282 -23.90 -14.57 6.73
CA SER A 282 -24.30 -14.49 8.14
C SER A 282 -23.72 -13.24 8.81
N PRO A 283 -24.40 -12.71 9.83
CA PRO A 283 -23.85 -11.61 10.63
C PRO A 283 -22.44 -11.89 11.17
N GLY A 284 -22.18 -13.12 11.61
CA GLY A 284 -20.88 -13.52 12.13
C GLY A 284 -19.75 -13.43 11.11
N GLN A 285 -20.05 -13.81 9.87
CA GLN A 285 -19.10 -13.70 8.77
C GLN A 285 -18.84 -12.26 8.42
N TRP A 286 -19.89 -11.45 8.37
CA TRP A 286 -19.75 -10.01 8.13
C TRP A 286 -18.93 -9.33 9.23
N ARG A 287 -19.19 -9.71 10.48
CA ARG A 287 -18.49 -9.18 11.65
C ARG A 287 -16.99 -9.48 11.63
N SER A 288 -16.62 -10.69 11.22
CA SER A 288 -15.20 -11.02 11.08
C SER A 288 -14.58 -10.20 9.96
N PHE A 289 -15.35 -10.04 8.87
CA PHE A 289 -14.91 -9.19 7.76
C PHE A 289 -14.68 -7.73 8.19
N TYR A 290 -15.62 -7.17 8.96
CA TYR A 290 -15.49 -5.79 9.43
C TYR A 290 -14.26 -5.62 10.33
N ARG A 291 -14.03 -6.62 11.19
CA ARG A 291 -12.95 -6.62 12.16
C ARG A 291 -11.56 -6.79 11.54
N HIS A 292 -11.45 -7.68 10.56
CA HIS A 292 -10.13 -8.00 10.01
C HIS A 292 -9.82 -7.30 8.69
N LYS A 293 -10.71 -7.44 7.71
CA LYS A 293 -10.39 -7.02 6.35
C LYS A 293 -10.65 -5.54 6.10
N LEU A 294 -11.67 -4.97 6.75
CA LEU A 294 -11.94 -3.54 6.60
C LEU A 294 -10.86 -2.70 7.23
N LEU A 295 -10.24 -3.20 8.29
CA LEU A 295 -9.11 -2.52 8.90
C LEU A 295 -7.99 -2.31 7.87
N LYS A 296 -7.69 -3.38 7.13
CA LYS A 296 -6.62 -3.37 6.15
C LYS A 296 -6.98 -2.47 4.97
N TRP A 297 -8.25 -2.55 4.55
CA TRP A 297 -8.75 -1.75 3.45
C TRP A 297 -8.78 -0.27 3.81
N TRP A 298 -9.23 0.04 5.03
CA TRP A 298 -9.20 1.42 5.52
C TRP A 298 -7.78 1.97 5.59
N ALA A 299 -6.87 1.21 6.17
CA ALA A 299 -5.49 1.67 6.35
C ALA A 299 -4.74 1.84 5.02
N GLN A 300 -5.13 1.06 4.02
CA GLN A 300 -4.57 1.21 2.68
C GLN A 300 -5.10 2.47 1.96
N SER A 301 -6.41 2.70 2.02
CA SER A 301 -7.03 3.81 1.26
C SER A 301 -7.06 5.15 2.00
N PHE A 302 -7.05 5.09 3.34
CA PHE A 302 -7.01 6.32 4.12
C PHE A 302 -5.77 7.18 3.81
N LEU A 303 -4.58 6.56 3.87
CA LEU A 303 -3.32 7.28 3.66
C LEU A 303 -3.26 8.12 2.39
N PRO A 304 -3.53 7.51 1.21
CA PRO A 304 -3.44 8.29 -0.03
C PRO A 304 -4.64 9.16 -0.32
N GLY A 305 -5.69 9.08 0.49
CA GLY A 305 -6.89 9.90 0.28
C GLY A 305 -7.82 9.38 -0.82
N VAL A 306 -7.82 8.05 -1.00
CA VAL A 306 -8.74 7.37 -1.91
C VAL A 306 -10.07 7.17 -1.18
N PRO A 307 -11.13 7.85 -1.63
CA PRO A 307 -12.36 7.90 -0.86
C PRO A 307 -13.27 6.66 -0.96
N HIS A 308 -13.05 5.81 -1.97
CA HIS A 308 -13.89 4.63 -2.15
C HIS A 308 -13.17 3.33 -2.45
N VAL A 309 -13.65 2.29 -1.79
CA VAL A 309 -13.19 0.94 -2.04
C VAL A 309 -14.40 0.15 -2.53
N VAL A 310 -14.26 -0.44 -3.73
CA VAL A 310 -15.34 -1.17 -4.38
C VAL A 310 -15.00 -2.66 -4.37
N ALA A 311 -15.81 -3.43 -3.65
CA ALA A 311 -15.55 -4.84 -3.46
C ALA A 311 -16.49 -5.71 -4.29
N GLY A 312 -15.91 -6.72 -4.93
CA GLY A 312 -16.69 -7.74 -5.62
C GLY A 312 -16.62 -9.02 -4.81
N PHE A 313 -17.78 -9.56 -4.47
CA PHE A 313 -17.83 -10.76 -3.63
C PHE A 313 -17.87 -12.03 -4.47
N ARG A 314 -16.92 -12.92 -4.21
CA ARG A 314 -16.78 -14.12 -5.03
C ARG A 314 -17.43 -15.36 -4.45
N ASN A 315 -18.12 -16.06 -5.37
CA ASN A 315 -18.58 -17.44 -5.22
C ASN A 315 -17.45 -18.39 -4.91
N PRO A 316 -17.76 -19.52 -4.23
CA PRO A 316 -16.79 -20.61 -4.18
C PRO A 316 -16.39 -21.14 -5.57
N GLU A 317 -17.19 -20.83 -6.60
CA GLU A 317 -16.85 -21.19 -7.97
C GLU A 317 -16.04 -20.12 -8.72
N GLY A 318 -15.70 -19.02 -8.04
CA GLY A 318 -14.80 -18.01 -8.59
C GLY A 318 -15.47 -16.95 -9.44
N PHE A 319 -16.77 -16.82 -9.28
CA PHE A 319 -17.55 -15.79 -9.95
C PHE A 319 -17.88 -14.66 -8.99
N VAL A 320 -17.78 -13.43 -9.47
CA VAL A 320 -18.25 -12.26 -8.72
C VAL A 320 -19.66 -11.93 -9.22
N CYS A 321 -20.65 -12.05 -8.33
CA CYS A 321 -22.04 -11.82 -8.73
C CYS A 321 -22.70 -10.69 -7.93
N SER A 322 -21.89 -10.02 -7.11
CA SER A 322 -22.34 -8.87 -6.32
C SER A 322 -21.19 -7.90 -6.06
N LEU A 323 -21.55 -6.63 -5.96
CA LEU A 323 -20.60 -5.56 -5.68
C LEU A 323 -21.08 -4.73 -4.51
N LYS A 324 -20.14 -4.14 -3.76
CA LYS A 324 -20.49 -3.23 -2.67
C LYS A 324 -19.43 -2.15 -2.56
N THR A 325 -19.89 -0.91 -2.40
CA THR A 325 -19.00 0.21 -2.24
C THR A 325 -18.87 0.54 -0.76
N PHE A 326 -17.62 0.63 -0.32
CA PHE A 326 -17.26 1.00 1.04
C PHE A 326 -16.52 2.34 1.00
N PRO A 327 -17.23 3.46 1.30
CA PRO A 327 -16.57 4.74 1.51
C PRO A 327 -15.57 4.65 2.68
N THR A 328 -14.31 4.99 2.39
CA THR A 328 -13.22 4.98 3.37
C THR A 328 -13.60 5.67 4.68
N MET A 329 -14.26 6.84 4.56
CA MET A 329 -14.69 7.67 5.69
C MET A 329 -15.71 6.99 6.61
N GLU A 330 -16.40 5.97 6.10
CA GLU A 330 -17.49 5.31 6.82
C GLU A 330 -17.11 3.91 7.32
N MET A 331 -15.89 3.46 7.03
CA MET A 331 -15.50 2.07 7.36
C MET A 331 -15.49 1.77 8.86
N PHE A 332 -14.96 2.71 9.65
CA PHE A 332 -14.84 2.56 11.10
C PHE A 332 -16.20 2.40 11.80
N GLU A 333 -17.26 2.94 11.18
CA GLU A 333 -18.62 2.86 11.72
C GLU A 333 -19.06 1.43 11.97
N ASN A 334 -18.57 0.52 11.13
CA ASN A 334 -18.90 -0.89 11.23
C ASN A 334 -18.44 -1.55 12.52
N VAL A 335 -17.41 -0.97 13.13
CA VAL A 335 -16.82 -1.51 14.36
C VAL A 335 -16.74 -0.51 15.53
N ARG A 336 -17.29 0.70 15.36
CA ARG A 336 -17.20 1.75 16.39
C ARG A 336 -17.70 1.29 17.78
N ASN A 337 -18.75 0.47 17.77
CA ASN A 337 -19.33 -0.10 19.00
C ASN A 337 -19.09 -1.60 19.14
N ASP A 338 -17.89 -2.04 18.77
CA ASP A 338 -17.53 -3.46 18.75
C ASP A 338 -16.39 -3.69 19.74
N ARG A 339 -16.66 -4.55 20.72
CA ARG A 339 -15.71 -4.91 21.76
C ARG A 339 -14.42 -5.52 21.21
N GLU A 340 -14.48 -6.07 20.00
CA GLU A 340 -13.29 -6.66 19.37
C GLU A 340 -12.93 -5.95 18.05
N GLY A 341 -13.37 -4.71 17.92
CA GLY A 341 -13.11 -3.91 16.73
C GLY A 341 -11.79 -3.18 16.79
N TRP A 342 -11.43 -2.60 15.66
CA TRP A 342 -10.25 -1.76 15.52
C TRP A 342 -10.63 -0.28 15.67
N ASN A 343 -9.62 0.58 15.78
CA ASN A 343 -9.83 2.00 16.04
C ASN A 343 -8.84 2.85 15.23
N PRO A 344 -9.35 3.74 14.36
CA PRO A 344 -8.42 4.43 13.46
C PRO A 344 -7.47 5.36 14.21
N SER A 345 -7.89 5.84 15.39
CA SER A 345 -7.03 6.74 16.15
C SER A 345 -5.85 5.98 16.76
N VAL A 346 -6.07 4.72 17.13
CA VAL A 346 -4.99 3.85 17.62
C VAL A 346 -3.98 3.54 16.52
N CYS A 347 -4.50 3.30 15.32
CA CYS A 347 -3.68 3.05 14.14
C CYS A 347 -2.74 4.22 13.86
N MET A 348 -3.28 5.42 13.82
CA MET A 348 -2.53 6.63 13.50
C MET A 348 -1.61 7.11 14.62
N ASN A 349 -2.07 7.00 15.86
CA ASN A 349 -1.23 7.31 17.02
C ASN A 349 -0.01 6.40 17.11
N PHE A 350 -0.20 5.10 16.86
CA PHE A 350 0.93 4.18 16.77
C PHE A 350 1.89 4.59 15.65
N CYS A 351 1.36 4.82 14.45
CA CYS A 351 2.18 5.22 13.32
C CYS A 351 3.01 6.46 13.69
N ALA A 352 2.37 7.48 14.27
CA ALA A 352 3.06 8.71 14.67
C ALA A 352 4.14 8.44 15.71
N ALA A 353 3.81 7.60 16.69
CA ALA A 353 4.79 7.11 17.66
C ALA A 353 5.96 6.39 16.98
N PHE A 354 5.69 5.55 15.98
CA PHE A 354 6.76 4.83 15.30
C PHE A 354 7.69 5.80 14.56
N LEU A 355 7.09 6.75 13.85
CA LEU A 355 7.86 7.78 13.14
C LEU A 355 8.78 8.57 14.08
N SER A 356 8.28 8.89 15.28
CA SER A 356 9.06 9.60 16.26
C SER A 356 10.21 8.72 16.74
N PHE A 357 9.91 7.44 16.96
CA PHE A 357 10.88 6.44 17.41
C PHE A 357 12.00 6.23 16.38
N ALA A 358 11.62 6.05 15.12
CA ALA A 358 12.59 5.92 14.04
C ALA A 358 13.46 7.17 13.90
N GLN A 359 12.82 8.34 13.90
CA GLN A 359 13.53 9.63 13.77
C GLN A 359 14.55 9.90 14.88
N SER A 360 14.23 9.54 16.12
CA SER A 360 15.18 9.70 17.21
C SER A 360 16.24 8.57 17.26
N THR A 361 15.86 7.38 16.80
CA THR A 361 16.78 6.23 16.72
C THR A 361 17.86 6.42 15.65
N VAL A 362 17.45 6.78 14.44
CA VAL A 362 18.39 6.96 13.33
C VAL A 362 19.06 8.33 13.45
N VAL A 363 20.15 8.35 14.22
CA VAL A 363 20.92 9.57 14.46
C VAL A 363 21.80 9.91 13.24
N GLN A 364 22.64 8.96 12.83
CA GLN A 364 23.64 9.20 11.81
C GLN A 364 23.05 9.41 10.41
N ASP A 365 23.49 10.47 9.74
CA ASP A 365 23.17 10.72 8.34
C ASP A 365 24.18 9.93 7.50
N ASP A 366 23.72 8.82 6.92
CA ASP A 366 24.61 7.88 6.24
C ASP A 366 23.80 6.86 5.41
N PRO A 367 23.91 6.91 4.07
CA PRO A 367 23.09 6.06 3.21
C PRO A 367 23.51 4.59 3.15
N ARG A 368 24.64 4.26 3.78
CA ARG A 368 25.15 2.89 3.85
C ARG A 368 24.78 2.23 5.17
N LEU A 369 24.30 3.05 6.12
CA LEU A 369 23.90 2.59 7.44
C LEU A 369 22.40 2.29 7.47
N VAL A 370 22.03 1.15 8.05
CA VAL A 370 20.62 0.78 8.19
C VAL A 370 20.26 0.48 9.64
N HIS A 371 19.19 1.10 10.12
CA HIS A 371 18.54 0.64 11.34
C HIS A 371 17.34 -0.18 10.92
N LEU A 372 17.42 -1.47 11.20
CA LEU A 372 16.38 -2.43 10.86
C LEU A 372 15.39 -2.52 12.01
N PHE A 373 14.15 -2.15 11.72
CA PHE A 373 13.06 -2.27 12.68
C PHE A 373 12.30 -3.55 12.41
N SER A 374 12.30 -4.44 13.39
CA SER A 374 11.69 -5.76 13.24
C SER A 374 10.52 -5.86 14.19
N TRP A 375 9.45 -6.46 13.68
CA TRP A 375 8.27 -6.65 14.50
C TRP A 375 7.60 -7.98 14.19
N GLU A 376 7.23 -8.68 15.26
CA GLU A 376 6.43 -9.90 15.18
C GLU A 376 5.20 -9.73 16.06
N PRO A 377 4.04 -10.25 15.62
CA PRO A 377 2.79 -10.23 16.40
C PRO A 377 2.99 -10.58 17.88
N GLY A 378 2.53 -9.69 18.75
CA GLY A 378 2.59 -9.86 20.20
C GLY A 378 3.70 -9.05 20.85
N GLY A 379 4.84 -8.96 20.17
CA GLY A 379 6.03 -8.32 20.73
C GLY A 379 6.20 -6.87 20.35
N PRO A 380 7.24 -6.21 20.90
CA PRO A 380 7.50 -4.81 20.55
C PRO A 380 8.26 -4.72 19.25
N VAL A 381 8.40 -3.50 18.71
CA VAL A 381 9.31 -3.24 17.60
C VAL A 381 10.72 -3.16 18.14
N THR A 382 11.60 -4.03 17.67
CA THR A 382 13.00 -4.03 18.10
C THR A 382 13.90 -3.57 16.97
N VAL A 383 15.12 -3.16 17.32
CA VAL A 383 16.02 -2.51 16.39
C VAL A 383 17.40 -3.18 16.37
N SER A 384 17.96 -3.32 15.18
CA SER A 384 19.34 -3.75 15.00
C SER A 384 20.02 -2.86 13.97
N VAL A 385 21.34 -2.72 14.09
CA VAL A 385 22.11 -1.78 13.27
C VAL A 385 22.99 -2.56 12.29
N HIS A 386 22.90 -2.16 11.02
CA HIS A 386 23.55 -2.87 9.93
C HIS A 386 24.22 -1.87 9.01
N ARG A 387 25.19 -2.34 8.25
CA ARG A 387 25.86 -1.50 7.27
C ARG A 387 26.06 -2.30 5.98
N ASP A 388 25.85 -1.64 4.85
CA ASP A 388 26.07 -2.19 3.52
C ASP A 388 25.16 -3.38 3.16
N ALA A 389 25.65 -4.32 2.35
CA ALA A 389 24.85 -5.49 1.95
C ALA A 389 24.51 -6.36 3.14
N PRO A 390 23.29 -6.94 3.16
CA PRO A 390 22.27 -6.86 2.12
C PRO A 390 21.24 -5.74 2.35
N TYR A 391 21.25 -5.12 3.53
CA TYR A 391 20.17 -4.22 3.94
C TYR A 391 20.22 -2.81 3.35
N ALA A 392 21.42 -2.28 3.15
CA ALA A 392 21.58 -0.96 2.52
C ALA A 392 20.77 -0.91 1.23
N PHE A 393 19.87 0.05 1.13
CA PHE A 393 18.93 0.09 0.01
C PHE A 393 19.02 1.31 -0.91
N LEU A 394 19.68 2.37 -0.46
CA LEU A 394 19.79 3.57 -1.29
C LEU A 394 20.91 3.39 -2.32
N PRO A 395 20.55 3.35 -3.62
CA PRO A 395 21.51 3.03 -4.67
C PRO A 395 22.46 4.20 -4.93
N SER A 396 23.67 3.87 -5.36
CA SER A 396 24.69 4.86 -5.72
C SER A 396 24.16 5.92 -6.68
N TRP A 397 23.37 5.50 -7.67
CA TRP A 397 22.86 6.45 -8.68
C TRP A 397 22.00 7.56 -8.09
N TYR A 398 21.40 7.28 -6.93
CA TYR A 398 20.59 8.25 -6.23
C TYR A 398 21.44 9.09 -5.31
N VAL A 399 22.30 8.44 -4.53
CA VAL A 399 23.19 9.12 -3.57
C VAL A 399 24.14 10.09 -4.29
N GLU A 400 24.79 9.63 -5.35
CA GLU A 400 25.72 10.48 -6.09
C GLU A 400 25.08 11.74 -6.67
N THR A 401 23.91 11.55 -7.29
CA THR A 401 23.15 12.64 -7.91
C THR A 401 22.70 13.66 -6.87
N MET A 402 22.29 13.17 -5.69
CA MET A 402 21.89 14.04 -4.58
C MET A 402 23.10 14.75 -3.98
N THR A 403 24.23 14.04 -3.91
CA THR A 403 25.49 14.60 -3.42
C THR A 403 26.01 15.67 -4.38
N GLN A 404 25.74 15.46 -5.67
CA GLN A 404 26.08 16.40 -6.74
C GLN A 404 25.49 17.80 -6.57
N ASP A 405 24.27 17.85 -6.02
CA ASP A 405 23.61 19.13 -5.70
C ASP A 405 24.42 19.90 -4.64
#